data_1XNN
#
_entry.id   1XNN
#
_cell.length_a   54.870
_cell.length_b   65.940
_cell.length_c   70.460
_cell.angle_alpha   90.00
_cell.angle_beta   90.00
_cell.angle_gamma   90.00
#
_symmetry.space_group_name_H-M   'P 21 21 21'
#
loop_
_entity.id
_entity.type
_entity.pdbx_description
1 polymer 'Androgen receptor'
2 non-polymer REL-(3AR,4S,7R,7AS)-3A,4,7,7A-TETRAHYDRO-2-(4-NITRO-1-NAPHTHALENYL)-4,7-ETHANO-1H-ISOINDOLE-1,3(2H)-DIONE
3 water water
#
_entity_poly.entity_id   1
_entity_poly.type   'polypeptide(L)'
_entity_poly.pdbx_seq_one_letter_code
;GSHMIEGYECQPIFLNVLEAIEPGVVCAGHDNNQPDSFAALLSSLNELGERQLVHVVKWAKALPGFRNLHVDDQMAVIQY
SWMGLMVFAMGWRSFTNVNSRMLYFAPDLVFNEYRMHKSRMYSQCVRMRHLSQEFGWLQITPQEFLCMKALLLFSIIPVD
GLKNQKFFDELRMNYIKELDRIIACKRKNPTSCSRRFYQLTKLLDSVQPIARELHQFAFDLLIKSHMVSVDFPEMMAEII
SVQVPKILSGKVKPIYFHTQ
;
_entity_poly.pdbx_strand_id   A
#
loop_
_chem_comp.id
_chem_comp.type
_chem_comp.name
_chem_comp.formula
HYQ non-polymer REL-(3AR,4S,7R,7AS)-3A,4,7,7A-TETRAHYDRO-2-(4-NITRO-1-NAPHTHALENYL)-4,7-ETHANO-1H-ISOINDOLE-1,3(2H)-DIONE 'C20 H18 N2 O4'
#
# COMPACT_ATOMS: atom_id res chain seq x y z
N ILE A 13 -8.34 -10.89 20.07
CA ILE A 13 -9.29 -11.11 18.93
C ILE A 13 -8.92 -10.22 17.72
N PHE A 14 -8.02 -9.27 17.94
CA PHE A 14 -7.59 -8.35 16.89
C PHE A 14 -6.92 -9.06 15.73
N LEU A 15 -5.87 -9.84 16.04
CA LEU A 15 -5.14 -10.59 15.02
C LEU A 15 -6.03 -11.52 14.28
N ASN A 16 -6.97 -12.14 14.99
CA ASN A 16 -7.89 -13.06 14.33
C ASN A 16 -8.72 -12.33 13.29
N VAL A 17 -9.20 -11.15 13.63
CA VAL A 17 -9.98 -10.35 12.68
C VAL A 17 -9.17 -10.01 11.44
N LEU A 18 -7.92 -9.59 11.63
CA LEU A 18 -7.05 -9.22 10.52
C LEU A 18 -6.79 -10.35 9.57
N GLU A 19 -6.53 -11.53 10.13
CA GLU A 19 -6.27 -12.70 9.33
C GLU A 19 -7.54 -13.13 8.61
N ALA A 20 -8.68 -13.01 9.28
CA ALA A 20 -9.95 -13.36 8.69
C ALA A 20 -10.33 -12.49 7.49
N ILE A 21 -10.08 -11.18 7.60
CA ILE A 21 -10.44 -10.27 6.52
C ILE A 21 -9.39 -10.03 5.46
N GLU A 22 -8.23 -10.65 5.62
CA GLU A 22 -7.14 -10.47 4.66
C GLU A 22 -7.52 -10.94 3.26
N PRO A 23 -7.39 -10.06 2.26
CA PRO A 23 -7.73 -10.39 0.87
C PRO A 23 -7.04 -11.64 0.37
N GLY A 24 -7.65 -12.29 -0.61
CA GLY A 24 -7.06 -13.49 -1.17
C GLY A 24 -6.24 -13.13 -2.41
N VAL A 25 -5.95 -14.13 -3.24
CA VAL A 25 -5.19 -13.93 -4.46
C VAL A 25 -6.01 -13.11 -5.44
N VAL A 26 -5.37 -12.14 -6.08
CA VAL A 26 -6.03 -11.30 -7.07
C VAL A 26 -5.20 -11.29 -8.32
N CYS A 27 -5.73 -11.84 -9.39
CA CYS A 27 -5.02 -11.89 -10.67
C CYS A 27 -5.29 -10.62 -11.45
N ALA A 28 -4.42 -10.33 -12.40
CA ALA A 28 -4.54 -9.14 -13.23
C ALA A 28 -5.19 -9.39 -14.57
N GLY A 29 -5.14 -10.63 -15.04
CA GLY A 29 -5.72 -10.96 -16.33
C GLY A 29 -4.78 -10.60 -17.46
N HIS A 30 -3.48 -10.55 -17.17
CA HIS A 30 -2.48 -10.20 -18.16
C HIS A 30 -2.22 -11.29 -19.15
N ASP A 31 -2.21 -10.90 -20.42
CA ASP A 31 -1.96 -11.79 -21.53
C ASP A 31 -0.45 -12.09 -21.61
N ASN A 32 -0.03 -13.17 -20.96
CA ASN A 32 1.39 -13.55 -20.96
C ASN A 32 1.80 -14.30 -22.21
N ASN A 33 0.98 -14.18 -23.25
CA ASN A 33 1.26 -14.81 -24.54
C ASN A 33 1.94 -13.72 -25.38
N GLN A 34 1.68 -12.46 -25.03
CA GLN A 34 2.26 -11.31 -25.71
C GLN A 34 3.71 -11.16 -25.32
N PRO A 35 4.52 -10.53 -26.20
CA PRO A 35 5.95 -10.30 -25.97
C PRO A 35 6.33 -9.23 -24.93
N ASP A 36 5.37 -8.39 -24.56
CA ASP A 36 5.59 -7.30 -23.59
C ASP A 36 5.82 -5.98 -24.26
N SER A 37 5.09 -4.96 -23.81
CA SER A 37 5.23 -3.63 -24.34
C SER A 37 4.74 -2.71 -23.30
N PHE A 38 5.13 -1.45 -23.39
CA PHE A 38 4.71 -0.48 -22.41
C PHE A 38 3.18 -0.47 -22.20
N ALA A 39 2.43 -0.34 -23.29
CA ALA A 39 0.98 -0.30 -23.21
C ALA A 39 0.37 -1.52 -22.60
N ALA A 40 0.78 -2.69 -23.05
CA ALA A 40 0.23 -3.94 -22.54
C ALA A 40 0.49 -4.13 -21.04
N LEU A 41 1.70 -3.82 -20.59
CA LEU A 41 2.08 -3.95 -19.19
C LEU A 41 1.27 -2.96 -18.32
N LEU A 42 1.29 -1.69 -18.70
CA LEU A 42 0.58 -0.67 -17.94
C LEU A 42 -0.93 -0.82 -17.97
N SER A 43 -1.47 -1.32 -19.08
CA SER A 43 -2.90 -1.55 -19.19
C SER A 43 -3.31 -2.67 -18.20
N SER A 44 -2.47 -3.70 -18.08
CA SER A 44 -2.74 -4.78 -17.14
C SER A 44 -2.59 -4.28 -15.70
N LEU A 45 -1.57 -3.45 -15.46
CA LEU A 45 -1.35 -2.90 -14.13
C LEU A 45 -2.52 -2.04 -13.70
N ASN A 46 -3.04 -1.23 -14.61
CA ASN A 46 -4.17 -0.37 -14.29
C ASN A 46 -5.40 -1.22 -13.98
N GLU A 47 -5.60 -2.30 -14.75
CA GLU A 47 -6.74 -3.18 -14.50
C GLU A 47 -6.58 -3.88 -13.14
N LEU A 48 -5.38 -4.37 -12.86
CA LEU A 48 -5.09 -5.02 -11.59
C LEU A 48 -5.29 -4.00 -10.45
N GLY A 49 -4.84 -2.77 -10.69
CA GLY A 49 -4.98 -1.72 -9.69
C GLY A 49 -6.44 -1.48 -9.33
N GLU A 50 -7.31 -1.47 -10.34
CA GLU A 50 -8.74 -1.27 -10.10
C GLU A 50 -9.28 -2.46 -9.27
N ARG A 51 -8.87 -3.67 -9.64
CA ARG A 51 -9.29 -4.89 -8.96
C ARG A 51 -8.88 -4.88 -7.49
N GLN A 52 -7.64 -4.47 -7.24
CA GLN A 52 -7.08 -4.39 -5.90
C GLN A 52 -7.81 -3.30 -5.08
N LEU A 53 -8.15 -2.20 -5.72
CA LEU A 53 -8.85 -1.12 -5.05
C LEU A 53 -10.19 -1.66 -4.47
N VAL A 54 -10.92 -2.42 -5.28
CA VAL A 54 -12.19 -3.01 -4.86
C VAL A 54 -11.98 -3.86 -3.59
N HIS A 55 -10.92 -4.66 -3.57
CA HIS A 55 -10.64 -5.49 -2.41
C HIS A 55 -10.16 -4.70 -1.22
N VAL A 56 -9.44 -3.61 -1.46
CA VAL A 56 -8.96 -2.78 -0.36
C VAL A 56 -10.12 -2.09 0.32
N VAL A 57 -11.12 -1.69 -0.47
CA VAL A 57 -12.30 -1.03 0.06
C VAL A 57 -13.08 -1.98 1.00
N LYS A 58 -13.29 -3.22 0.57
CA LYS A 58 -14.01 -4.21 1.36
C LYS A 58 -13.21 -4.54 2.62
N TRP A 59 -11.91 -4.66 2.47
CA TRP A 59 -11.02 -4.96 3.58
C TRP A 59 -11.11 -3.86 4.65
N ALA A 60 -10.90 -2.62 4.22
CA ALA A 60 -10.92 -1.46 5.11
C ALA A 60 -12.20 -1.28 5.88
N LYS A 61 -13.33 -1.44 5.19
CA LYS A 61 -14.62 -1.31 5.85
C LYS A 61 -14.90 -2.38 6.91
N ALA A 62 -14.24 -3.53 6.78
CA ALA A 62 -14.41 -4.62 7.75
C ALA A 62 -13.34 -4.56 8.91
N LEU A 63 -12.52 -3.51 8.94
CA LEU A 63 -11.50 -3.36 9.98
C LEU A 63 -12.11 -2.92 11.27
N PRO A 64 -11.59 -3.41 12.41
CA PRO A 64 -12.16 -3.02 13.70
C PRO A 64 -12.24 -1.51 13.92
N GLY A 65 -13.44 -1.04 14.27
CA GLY A 65 -13.67 0.37 14.53
C GLY A 65 -13.69 1.31 13.34
N PHE A 66 -13.42 0.80 12.15
CA PHE A 66 -13.39 1.66 10.95
C PHE A 66 -14.73 2.42 10.66
N ARG A 67 -15.87 1.79 10.96
CA ARG A 67 -17.16 2.42 10.73
C ARG A 67 -17.42 3.59 11.74
N ASN A 68 -16.52 3.74 12.71
CA ASN A 68 -16.62 4.80 13.70
C ASN A 68 -16.27 6.14 13.03
N LEU A 69 -15.63 6.08 11.86
CA LEU A 69 -15.25 7.28 11.12
C LEU A 69 -16.38 7.81 10.36
N HIS A 70 -16.36 9.11 10.16
CA HIS A 70 -17.39 9.79 9.39
C HIS A 70 -17.40 9.11 8.00
N VAL A 71 -18.58 9.02 7.39
CA VAL A 71 -18.75 8.39 6.08
C VAL A 71 -17.79 8.94 4.98
N ASP A 72 -17.65 10.26 4.93
CA ASP A 72 -16.77 10.88 3.94
C ASP A 72 -15.32 10.63 4.25
N ASP A 73 -14.99 10.54 5.53
CA ASP A 73 -13.62 10.26 5.92
C ASP A 73 -13.21 8.83 5.56
N GLN A 74 -14.13 7.88 5.71
CA GLN A 74 -13.83 6.49 5.39
C GLN A 74 -13.30 6.31 4.01
N MET A 75 -13.99 6.87 3.03
CA MET A 75 -13.53 6.75 1.66
C MET A 75 -12.30 7.58 1.42
N ALA A 76 -12.24 8.76 2.02
CA ALA A 76 -11.09 9.65 1.86
C ALA A 76 -9.80 8.91 2.29
N VAL A 77 -9.82 8.37 3.50
CA VAL A 77 -8.70 7.65 4.05
C VAL A 77 -8.27 6.47 3.15
N ILE A 78 -9.24 5.74 2.61
CA ILE A 78 -8.97 4.61 1.73
C ILE A 78 -8.31 5.04 0.40
N GLN A 79 -8.83 6.10 -0.21
CA GLN A 79 -8.32 6.59 -1.47
C GLN A 79 -6.92 7.20 -1.35
N TYR A 80 -6.64 7.88 -0.25
CA TYR A 80 -5.34 8.47 -0.04
C TYR A 80 -4.26 7.42 0.23
N SER A 81 -4.62 6.37 0.96
CA SER A 81 -3.67 5.33 1.31
C SER A 81 -3.62 4.14 0.35
N TRP A 82 -4.55 4.10 -0.59
CA TRP A 82 -4.64 3.02 -1.56
C TRP A 82 -3.27 2.58 -2.18
N MET A 83 -2.49 3.53 -2.68
CA MET A 83 -1.20 3.25 -3.29
C MET A 83 -0.19 2.64 -2.28
N GLY A 84 -0.07 3.26 -1.11
CA GLY A 84 0.85 2.76 -0.09
C GLY A 84 0.48 1.35 0.35
N LEU A 85 -0.82 1.10 0.47
CA LEU A 85 -1.30 -0.21 0.86
C LEU A 85 -0.95 -1.25 -0.19
N MET A 86 -1.05 -0.88 -1.45
CA MET A 86 -0.72 -1.81 -2.53
C MET A 86 0.77 -2.07 -2.58
N VAL A 87 1.56 -1.05 -2.30
CA VAL A 87 3.00 -1.19 -2.30
C VAL A 87 3.40 -2.15 -1.21
N PHE A 88 2.90 -1.92 -0.01
CA PHE A 88 3.21 -2.76 1.15
C PHE A 88 2.84 -4.23 0.96
N ALA A 89 1.58 -4.47 0.56
CA ALA A 89 1.12 -5.84 0.36
C ALA A 89 1.88 -6.53 -0.76
N MET A 90 2.19 -5.79 -1.82
CA MET A 90 2.91 -6.36 -2.96
C MET A 90 4.35 -6.67 -2.54
N GLY A 91 4.91 -5.84 -1.67
CA GLY A 91 6.26 -6.08 -1.20
C GLY A 91 6.26 -7.37 -0.40
N TRP A 92 5.16 -7.62 0.31
CA TRP A 92 5.00 -8.82 1.11
C TRP A 92 4.84 -10.05 0.25
N ARG A 93 4.00 -9.95 -0.79
CA ARG A 93 3.80 -11.05 -1.71
C ARG A 93 5.11 -11.44 -2.38
N SER A 94 5.90 -10.43 -2.75
CA SER A 94 7.18 -10.66 -3.40
C SER A 94 8.17 -11.35 -2.46
N PHE A 95 8.14 -11.00 -1.19
CA PHE A 95 9.02 -11.63 -0.21
C PHE A 95 8.64 -13.09 0.02
N THR A 96 7.35 -13.35 0.19
CA THR A 96 6.89 -14.71 0.43
C THR A 96 6.74 -15.59 -0.81
N ASN A 97 6.72 -14.99 -1.99
CA ASN A 97 6.54 -15.79 -3.22
C ASN A 97 7.80 -16.06 -3.97
N VAL A 98 8.67 -15.04 -4.08
CA VAL A 98 9.91 -15.22 -4.82
C VAL A 98 11.14 -14.56 -4.17
N ASN A 99 11.11 -14.41 -2.85
CA ASN A 99 12.22 -13.83 -2.10
C ASN A 99 12.73 -12.50 -2.59
N SER A 100 11.81 -11.60 -2.93
CA SER A 100 12.17 -10.27 -3.39
C SER A 100 13.03 -10.24 -4.67
N ARG A 101 13.15 -11.39 -5.34
CA ARG A 101 13.92 -11.47 -6.58
C ARG A 101 13.25 -10.63 -7.65
N MET A 102 11.92 -10.72 -7.69
CA MET A 102 11.11 -9.99 -8.65
C MET A 102 9.87 -9.42 -7.95
N LEU A 103 9.10 -8.58 -8.65
CA LEU A 103 7.90 -7.98 -8.09
C LEU A 103 6.65 -8.75 -8.47
N TYR A 104 6.07 -9.39 -7.46
CA TYR A 104 4.88 -10.22 -7.62
C TYR A 104 3.59 -9.37 -7.57
N PHE A 105 3.33 -8.59 -8.59
CA PHE A 105 2.12 -7.77 -8.63
C PHE A 105 0.90 -8.71 -8.58
N ALA A 106 0.98 -9.81 -9.31
CA ALA A 106 -0.08 -10.80 -9.35
C ALA A 106 0.48 -12.11 -9.81
N PRO A 107 -0.23 -13.23 -9.57
CA PRO A 107 0.28 -14.53 -10.00
C PRO A 107 0.56 -14.55 -11.50
N ASP A 108 -0.24 -13.83 -12.27
CA ASP A 108 -0.08 -13.76 -13.71
C ASP A 108 0.58 -12.48 -14.21
N LEU A 109 1.23 -11.76 -13.31
CA LEU A 109 1.93 -10.53 -13.67
C LEU A 109 3.10 -10.32 -12.71
N VAL A 110 4.16 -11.08 -12.95
CA VAL A 110 5.37 -11.00 -12.13
C VAL A 110 6.38 -10.22 -12.90
N PHE A 111 6.93 -9.21 -12.25
CA PHE A 111 7.92 -8.39 -12.90
C PHE A 111 9.35 -8.80 -12.71
N ASN A 112 10.01 -9.05 -13.82
CA ASN A 112 11.42 -9.36 -13.82
C ASN A 112 12.03 -8.02 -14.18
N GLU A 113 13.35 -7.95 -14.29
CA GLU A 113 14.01 -6.69 -14.62
C GLU A 113 13.68 -6.17 -16.01
N TYR A 114 13.36 -7.06 -16.94
CA TYR A 114 13.01 -6.63 -18.28
C TYR A 114 11.66 -5.84 -18.29
N ARG A 115 10.68 -6.32 -17.52
CA ARG A 115 9.39 -5.65 -17.43
C ARG A 115 9.46 -4.41 -16.57
N MET A 116 10.38 -4.40 -15.60
CA MET A 116 10.56 -3.23 -14.76
C MET A 116 10.99 -2.07 -15.70
N HIS A 117 11.89 -2.40 -16.61
CA HIS A 117 12.41 -1.45 -17.59
C HIS A 117 11.40 -1.07 -18.69
N LYS A 118 10.72 -2.08 -19.25
CA LYS A 118 9.75 -1.85 -20.32
C LYS A 118 8.52 -1.05 -19.83
N SER A 119 8.21 -1.20 -18.54
CA SER A 119 7.08 -0.50 -17.93
C SER A 119 7.43 0.96 -17.71
N ARG A 120 8.72 1.27 -17.77
CA ARG A 120 9.21 2.62 -17.56
C ARG A 120 9.09 3.06 -16.12
N MET A 121 8.98 2.08 -15.23
CA MET A 121 8.88 2.33 -13.79
C MET A 121 10.04 1.71 -13.06
N TYR A 122 11.17 1.56 -13.73
CA TYR A 122 12.33 0.92 -13.12
C TYR A 122 12.74 1.46 -11.75
N SER A 123 12.97 2.76 -11.65
CA SER A 123 13.39 3.34 -10.38
C SER A 123 12.35 3.12 -9.31
N GLN A 124 11.08 3.21 -9.69
CA GLN A 124 10.01 2.99 -8.74
C GLN A 124 10.02 1.51 -8.28
N CYS A 125 10.20 0.59 -9.24
CA CYS A 125 10.26 -0.83 -8.94
C CYS A 125 11.47 -1.18 -8.06
N VAL A 126 12.58 -0.48 -8.28
CA VAL A 126 13.79 -0.70 -7.51
C VAL A 126 13.50 -0.40 -6.06
N ARG A 127 12.83 0.72 -5.83
CA ARG A 127 12.44 1.14 -4.49
C ARG A 127 11.55 0.07 -3.83
N MET A 128 10.51 -0.35 -4.55
CA MET A 128 9.60 -1.37 -4.04
C MET A 128 10.28 -2.70 -3.75
N ARG A 129 11.15 -3.14 -4.66
CA ARG A 129 11.85 -4.39 -4.44
C ARG A 129 12.74 -4.27 -3.14
N HIS A 130 13.34 -3.11 -2.92
CA HIS A 130 14.15 -2.89 -1.73
C HIS A 130 13.24 -3.09 -0.49
N LEU A 131 12.02 -2.56 -0.57
CA LEU A 131 11.05 -2.71 0.51
C LEU A 131 10.79 -4.18 0.80
N SER A 132 10.58 -4.97 -0.26
CA SER A 132 10.34 -6.41 -0.11
C SER A 132 11.49 -7.09 0.58
N GLN A 133 12.71 -6.65 0.24
CA GLN A 133 13.90 -7.24 0.86
C GLN A 133 13.92 -6.95 2.33
N GLU A 134 13.44 -5.78 2.73
CA GLU A 134 13.38 -5.40 4.14
C GLU A 134 12.57 -6.39 4.95
N PHE A 135 11.50 -6.93 4.36
CA PHE A 135 10.68 -7.92 5.08
C PHE A 135 11.53 -9.10 5.49
N GLY A 136 12.56 -9.39 4.70
CA GLY A 136 13.45 -10.51 5.00
C GLY A 136 14.58 -10.13 5.93
N TRP A 137 15.19 -8.97 5.70
CA TRP A 137 16.28 -8.50 6.54
C TRP A 137 15.84 -8.30 7.97
N LEU A 138 14.60 -7.82 8.14
CA LEU A 138 14.04 -7.59 9.47
C LEU A 138 13.30 -8.78 10.01
N GLN A 139 13.16 -9.84 9.22
CA GLN A 139 12.44 -11.03 9.65
C GLN A 139 11.04 -10.66 10.14
N ILE A 140 10.27 -10.02 9.29
CA ILE A 140 8.91 -9.61 9.67
C ILE A 140 7.97 -10.83 9.62
N THR A 141 7.24 -11.03 10.71
CA THR A 141 6.30 -12.15 10.80
C THR A 141 5.01 -11.79 10.12
N PRO A 142 4.23 -12.80 9.71
CA PRO A 142 2.95 -12.56 9.05
C PRO A 142 2.05 -11.66 9.90
N GLN A 143 2.10 -11.86 11.21
CA GLN A 143 1.30 -11.09 12.15
C GLN A 143 1.69 -9.60 12.19
N GLU A 144 3.00 -9.32 12.17
CA GLU A 144 3.48 -7.94 12.17
C GLU A 144 3.07 -7.30 10.84
N PHE A 145 3.15 -8.07 9.76
CA PHE A 145 2.77 -7.57 8.46
C PHE A 145 1.30 -7.08 8.48
N LEU A 146 0.40 -7.93 8.94
CA LEU A 146 -1.03 -7.60 9.02
C LEU A 146 -1.32 -6.37 9.84
N CYS A 147 -0.63 -6.22 10.97
CA CYS A 147 -0.84 -5.06 11.83
C CYS A 147 -0.27 -3.80 11.23
N MET A 148 0.85 -3.95 10.52
CA MET A 148 1.45 -2.79 9.89
C MET A 148 0.58 -2.31 8.75
N LYS A 149 0.04 -3.22 7.96
CA LYS A 149 -0.80 -2.85 6.83
C LYS A 149 -2.01 -2.11 7.33
N ALA A 150 -2.59 -2.57 8.44
CA ALA A 150 -3.76 -1.92 9.02
C ALA A 150 -3.41 -0.50 9.41
N LEU A 151 -2.28 -0.34 10.09
CA LEU A 151 -1.83 0.98 10.51
C LEU A 151 -1.54 1.90 9.31
N LEU A 152 -1.07 1.31 8.21
CA LEU A 152 -0.79 2.06 6.99
C LEU A 152 -2.04 2.79 6.45
N LEU A 153 -3.22 2.21 6.64
CA LEU A 153 -4.46 2.83 6.19
C LEU A 153 -4.71 4.15 6.92
N PHE A 154 -4.16 4.28 8.13
CA PHE A 154 -4.34 5.47 8.94
C PHE A 154 -3.12 6.33 8.98
N SER A 155 -2.36 6.35 7.89
CA SER A 155 -1.13 7.12 7.86
C SER A 155 -1.04 8.28 6.88
N ILE A 156 -2.18 8.77 6.38
CA ILE A 156 -2.15 9.89 5.43
C ILE A 156 -3.47 10.63 5.45
N ILE A 157 -3.41 11.91 5.81
CA ILE A 157 -4.61 12.73 5.91
C ILE A 157 -4.41 14.21 5.50
N PRO A 158 -5.52 14.94 5.27
CA PRO A 158 -5.42 16.35 4.88
C PRO A 158 -4.78 17.13 6.00
N VAL A 159 -3.89 18.04 5.64
CA VAL A 159 -3.21 18.88 6.63
C VAL A 159 -4.25 19.76 7.37
N ASP A 160 -5.39 20.00 6.73
CA ASP A 160 -6.46 20.80 7.31
C ASP A 160 -7.49 19.92 8.05
N GLY A 161 -7.15 18.66 8.26
CA GLY A 161 -8.01 17.74 8.98
C GLY A 161 -9.16 17.09 8.25
N LEU A 162 -9.72 16.07 8.88
CA LEU A 162 -10.84 15.30 8.36
C LEU A 162 -12.13 15.85 8.95
N LYS A 163 -13.27 15.42 8.42
CA LYS A 163 -14.55 15.89 8.94
C LYS A 163 -14.73 15.61 10.41
N ASN A 164 -14.09 14.54 10.90
CA ASN A 164 -14.13 14.21 12.32
C ASN A 164 -12.75 13.70 12.72
N GLN A 165 -11.80 14.62 12.84
CA GLN A 165 -10.43 14.28 13.20
C GLN A 165 -10.28 13.42 14.44
N LYS A 166 -10.97 13.79 15.52
CA LYS A 166 -10.88 13.06 16.78
C LYS A 166 -11.11 11.60 16.70
N PHE A 167 -12.07 11.18 15.88
CA PHE A 167 -12.35 9.76 15.75
C PHE A 167 -11.16 9.04 15.05
N PHE A 168 -10.61 9.69 14.02
CA PHE A 168 -9.48 9.15 13.28
C PHE A 168 -8.25 9.00 14.20
N ASP A 169 -8.03 10.00 15.04
CA ASP A 169 -6.89 10.00 15.98
C ASP A 169 -6.99 8.91 17.01
N GLU A 170 -8.22 8.62 17.44
CA GLU A 170 -8.46 7.56 18.42
C GLU A 170 -8.25 6.18 17.76
N LEU A 171 -8.72 6.04 16.54
CA LEU A 171 -8.58 4.78 15.81
C LEU A 171 -7.11 4.53 15.48
N ARG A 172 -6.40 5.57 15.05
CA ARG A 172 -4.99 5.42 14.72
C ARG A 172 -4.19 5.01 16.00
N MET A 173 -4.46 5.69 17.09
CA MET A 173 -3.79 5.40 18.36
C MET A 173 -3.98 3.96 18.79
N ASN A 174 -5.18 3.43 18.57
CA ASN A 174 -5.50 2.07 18.94
C ASN A 174 -4.81 1.04 18.09
N TYR A 175 -4.55 1.37 16.83
CA TYR A 175 -3.84 0.44 15.95
C TYR A 175 -2.33 0.48 16.24
N ILE A 176 -1.83 1.62 16.73
CA ILE A 176 -0.43 1.70 17.07
C ILE A 176 -0.21 0.79 18.27
N LYS A 177 -1.14 0.86 19.23
CA LYS A 177 -1.07 0.05 20.43
C LYS A 177 -1.22 -1.43 20.14
N GLU A 178 -1.93 -1.77 19.07
CA GLU A 178 -2.10 -3.17 18.70
C GLU A 178 -0.76 -3.68 18.16
N LEU A 179 -0.07 -2.85 17.39
CA LEU A 179 1.24 -3.21 16.84
C LEU A 179 2.24 -3.40 17.99
N ASP A 180 2.13 -2.54 18.99
CA ASP A 180 2.98 -2.57 20.17
C ASP A 180 2.76 -3.91 20.91
N ARG A 181 1.52 -4.39 20.92
CA ARG A 181 1.17 -5.65 21.58
C ARG A 181 1.69 -6.86 20.84
N ILE A 182 1.50 -6.89 19.53
CA ILE A 182 1.93 -8.01 18.72
C ILE A 182 3.45 -8.18 18.78
N ILE A 183 4.14 -7.14 19.24
CA ILE A 183 5.58 -7.16 19.39
C ILE A 183 5.93 -7.62 20.82
N ALA A 184 5.15 -7.14 21.79
CA ALA A 184 5.37 -7.46 23.20
C ALA A 184 5.06 -8.93 23.54
N CYS A 185 3.97 -9.45 22.99
CA CYS A 185 3.57 -10.84 23.24
C CYS A 185 4.75 -11.75 23.09
N LYS A 186 4.67 -12.92 23.73
CA LYS A 186 5.75 -13.91 23.70
C LYS A 186 6.51 -13.89 22.39
N ARG A 187 7.69 -13.28 22.42
CA ARG A 187 8.53 -13.16 21.23
C ARG A 187 9.83 -12.44 21.55
N LYS A 188 9.70 -11.22 22.06
CA LYS A 188 10.88 -10.41 22.40
C LYS A 188 11.67 -11.06 23.56
N ASN A 189 12.29 -10.23 24.40
CA ASN A 189 13.07 -10.75 25.52
C ASN A 189 13.60 -9.64 26.49
N PRO A 190 14.39 -8.68 25.97
CA PRO A 190 14.93 -7.61 26.84
C PRO A 190 13.87 -6.78 27.55
N THR A 191 14.32 -5.71 28.21
CA THR A 191 13.44 -4.82 28.95
C THR A 191 12.89 -3.70 28.08
N SER A 192 13.71 -3.17 27.19
CA SER A 192 13.30 -2.09 26.31
C SER A 192 13.20 -2.58 24.89
N CYS A 193 12.01 -3.01 24.49
CA CYS A 193 11.77 -3.51 23.14
C CYS A 193 11.51 -2.36 22.19
N SER A 194 12.19 -1.24 22.46
CA SER A 194 12.05 -0.05 21.65
C SER A 194 12.73 -0.24 20.32
N ARG A 195 13.62 -1.22 20.23
CA ARG A 195 14.36 -1.52 19.01
C ARG A 195 13.51 -2.15 17.90
N ARG A 196 12.71 -3.15 18.25
CA ARG A 196 11.87 -3.81 17.26
C ARG A 196 10.78 -2.85 16.79
N PHE A 197 10.22 -2.09 17.71
CA PHE A 197 9.17 -1.13 17.38
C PHE A 197 9.75 -0.03 16.54
N TYR A 198 10.95 0.40 16.90
CA TYR A 198 11.65 1.45 16.16
C TYR A 198 11.84 1.11 14.71
N GLN A 199 12.31 -0.10 14.42
CA GLN A 199 12.54 -0.48 13.03
C GLN A 199 11.29 -0.72 12.24
N LEU A 200 10.23 -1.19 12.89
CA LEU A 200 8.96 -1.40 12.20
C LEU A 200 8.36 -0.05 11.83
N THR A 201 8.44 0.92 12.74
CA THR A 201 7.92 2.26 12.46
C THR A 201 8.76 2.93 11.33
N LYS A 202 10.06 2.63 11.30
CA LYS A 202 10.94 3.15 10.26
C LYS A 202 10.54 2.54 8.91
N LEU A 203 10.23 1.25 8.92
CA LEU A 203 9.83 0.54 7.72
C LEU A 203 8.51 1.08 7.15
N LEU A 204 7.55 1.41 8.02
CA LEU A 204 6.27 1.97 7.58
C LEU A 204 6.46 3.33 6.98
N ASP A 205 7.34 4.13 7.59
CA ASP A 205 7.67 5.47 7.12
C ASP A 205 8.26 5.38 5.72
N SER A 206 9.04 4.34 5.47
CA SER A 206 9.69 4.16 4.18
C SER A 206 8.71 3.89 3.00
N VAL A 207 7.47 3.54 3.33
CA VAL A 207 6.48 3.28 2.29
C VAL A 207 5.99 4.61 1.65
N GLN A 208 5.84 5.63 2.48
CA GLN A 208 5.37 6.95 2.03
C GLN A 208 6.15 7.56 0.86
N PRO A 209 7.49 7.58 0.93
CA PRO A 209 8.24 8.15 -0.20
C PRO A 209 8.05 7.33 -1.50
N ILE A 210 7.90 6.02 -1.37
CA ILE A 210 7.70 5.15 -2.52
C ILE A 210 6.31 5.43 -3.11
N ALA A 211 5.30 5.50 -2.25
CA ALA A 211 3.92 5.79 -2.68
C ALA A 211 3.88 7.15 -3.43
N ARG A 212 4.62 8.12 -2.92
CA ARG A 212 4.69 9.44 -3.53
C ARG A 212 5.29 9.36 -4.98
N GLU A 213 6.31 8.55 -5.18
CA GLU A 213 6.89 8.42 -6.51
C GLU A 213 5.88 7.73 -7.44
N LEU A 214 5.12 6.79 -6.89
CA LEU A 214 4.11 6.08 -7.66
C LEU A 214 2.94 7.00 -7.98
N HIS A 215 2.62 7.90 -7.05
CA HIS A 215 1.55 8.87 -7.22
C HIS A 215 1.88 9.80 -8.35
N GLN A 216 3.12 10.29 -8.35
CA GLN A 216 3.62 11.20 -9.37
C GLN A 216 3.61 10.51 -10.73
N PHE A 217 4.10 9.27 -10.76
CA PHE A 217 4.13 8.52 -12.01
C PHE A 217 2.70 8.24 -12.51
N ALA A 218 1.79 7.92 -11.60
CA ALA A 218 0.41 7.63 -11.97
C ALA A 218 -0.25 8.89 -12.58
N PHE A 219 -0.04 10.02 -11.93
CA PHE A 219 -0.59 11.31 -12.38
C PHE A 219 -0.08 11.65 -13.78
N ASP A 220 1.25 11.64 -13.95
CA ASP A 220 1.85 11.93 -15.24
C ASP A 220 1.32 11.02 -16.37
N LEU A 221 1.18 9.72 -16.06
CA LEU A 221 0.70 8.77 -17.04
C LEU A 221 -0.77 9.02 -17.41
N LEU A 222 -1.62 9.29 -16.43
CA LEU A 222 -3.03 9.57 -16.71
C LEU A 222 -3.17 10.82 -17.65
N ILE A 223 -2.39 11.86 -17.38
CA ILE A 223 -2.42 13.07 -18.19
C ILE A 223 -2.06 12.79 -19.68
N LYS A 224 -1.09 11.92 -19.91
CA LYS A 224 -0.66 11.59 -21.27
C LYS A 224 -1.10 10.21 -21.75
N SER A 225 -2.05 9.60 -21.04
CA SER A 225 -2.54 8.27 -21.40
C SER A 225 -3.12 8.28 -22.80
N HIS A 226 -3.82 9.37 -23.10
CA HIS A 226 -4.44 9.58 -24.40
C HIS A 226 -3.48 9.21 -25.56
N MET A 227 -2.20 9.58 -25.40
CA MET A 227 -1.19 9.31 -26.41
C MET A 227 -0.56 7.92 -26.25
N VAL A 228 -0.02 7.64 -25.08
CA VAL A 228 0.62 6.35 -24.83
C VAL A 228 -0.26 5.11 -25.03
N SER A 229 -1.56 5.32 -25.24
CA SER A 229 -2.49 4.22 -25.47
C SER A 229 -2.63 3.32 -24.25
N VAL A 230 -3.00 3.91 -23.12
CA VAL A 230 -3.16 3.15 -21.88
C VAL A 230 -4.48 3.44 -21.24
N ASP A 231 -5.29 2.41 -21.08
CA ASP A 231 -6.61 2.55 -20.47
C ASP A 231 -6.55 2.71 -18.97
N PHE A 232 -7.38 3.61 -18.44
CA PHE A 232 -7.46 3.82 -17.01
C PHE A 232 -8.88 3.51 -16.56
N PRO A 233 -9.03 2.50 -15.70
CA PRO A 233 -10.38 2.17 -15.25
C PRO A 233 -11.02 3.36 -14.55
N GLU A 234 -12.35 3.43 -14.63
CA GLU A 234 -13.14 4.50 -14.03
C GLU A 234 -12.78 4.93 -12.58
N MET A 235 -12.73 3.99 -11.66
CA MET A 235 -12.43 4.31 -10.27
C MET A 235 -11.02 4.80 -10.03
N MET A 236 -10.06 4.14 -10.66
CA MET A 236 -8.65 4.50 -10.53
C MET A 236 -8.39 5.90 -11.14
N ALA A 237 -9.03 6.17 -12.28
CA ALA A 237 -8.88 7.44 -12.98
C ALA A 237 -9.43 8.63 -12.18
N GLU A 238 -10.46 8.37 -11.38
CA GLU A 238 -11.07 9.41 -10.56
C GLU A 238 -10.18 9.73 -9.37
N ILE A 239 -9.62 8.68 -8.75
CA ILE A 239 -8.73 8.86 -7.62
C ILE A 239 -7.46 9.61 -8.05
N ILE A 240 -6.91 9.25 -9.20
CA ILE A 240 -5.70 9.86 -9.71
C ILE A 240 -5.83 11.35 -10.08
N SER A 241 -7.01 11.75 -10.53
CA SER A 241 -7.25 13.13 -10.92
C SER A 241 -7.91 13.98 -9.83
N VAL A 242 -8.43 13.33 -8.80
CA VAL A 242 -9.09 14.05 -7.71
C VAL A 242 -8.30 13.95 -6.40
N GLN A 243 -7.96 12.72 -6.01
CA GLN A 243 -7.22 12.49 -4.77
C GLN A 243 -5.76 12.68 -4.84
N VAL A 244 -5.13 12.07 -5.83
CA VAL A 244 -3.68 12.17 -6.00
C VAL A 244 -3.15 13.63 -6.08
N PRO A 245 -3.78 14.49 -6.89
CA PRO A 245 -3.30 15.88 -6.98
C PRO A 245 -3.20 16.54 -5.61
N LYS A 246 -4.16 16.24 -4.73
CA LYS A 246 -4.17 16.78 -3.38
C LYS A 246 -2.91 16.36 -2.59
N ILE A 247 -2.38 15.18 -2.85
CA ILE A 247 -1.18 14.72 -2.16
C ILE A 247 0.04 15.40 -2.78
N LEU A 248 0.03 15.49 -4.11
CA LEU A 248 1.14 16.10 -4.84
C LEU A 248 1.26 17.64 -4.62
N SER A 249 0.15 18.32 -4.36
CA SER A 249 0.18 19.76 -4.13
C SER A 249 0.42 20.10 -2.64
N GLY A 250 0.45 19.07 -1.80
CA GLY A 250 0.70 19.30 -0.39
C GLY A 250 -0.50 19.46 0.51
N LYS A 251 -1.71 19.25 -0.01
CA LYS A 251 -2.92 19.37 0.81
C LYS A 251 -3.13 18.18 1.76
N VAL A 252 -2.71 17.00 1.33
CA VAL A 252 -2.82 15.80 2.13
C VAL A 252 -1.43 15.32 2.31
N LYS A 253 -1.08 14.93 3.53
CA LYS A 253 0.28 14.48 3.81
C LYS A 253 0.38 13.28 4.67
N PRO A 254 1.47 12.52 4.51
CA PRO A 254 1.70 11.32 5.30
C PRO A 254 1.96 11.67 6.76
N ILE A 255 1.64 10.74 7.65
CA ILE A 255 1.90 10.91 9.07
C ILE A 255 3.13 10.08 9.25
N TYR A 256 4.21 10.71 9.71
CA TYR A 256 5.46 10.00 9.92
C TYR A 256 5.73 9.84 11.33
N PHE A 257 6.20 8.65 11.71
CA PHE A 257 6.56 8.39 13.10
C PHE A 257 7.78 9.20 13.44
N HIS A 258 8.77 9.15 12.56
CA HIS A 258 10.02 9.87 12.76
C HIS A 258 10.07 11.08 11.89
N THR A 259 10.76 12.11 12.36
CA THR A 259 10.88 13.36 11.62
C THR A 259 12.13 13.40 10.76
C1 HYQ B . -1.35 1.65 -11.72
C4 HYQ B . -1.56 0.70 -10.59
O10 HYQ B . -2.62 0.69 -9.96
N9 HYQ B . -0.46 -0.08 -10.41
C14 HYQ B . -0.41 -1.14 -9.56
C16 HYQ B . -1.36 -2.21 -9.87
C19 HYQ B . -1.46 -3.33 -8.97
C20 HYQ B . -0.56 -3.40 -7.82
N23 HYQ B . -0.68 -4.52 -7.07
O26 HYQ B . 0.34 -5.40 -7.04
O25 HYQ B . -1.85 -4.93 -6.48
C17 HYQ B . 0.45 -2.41 -7.50
C21 HYQ B . 1.37 -2.54 -6.38
C24 HYQ B . 2.40 -1.50 -6.15
C22 HYQ B . 2.48 -0.32 -7.01
C18 HYQ B . 1.53 -0.15 -8.14
C15 HYQ B . 0.53 -1.19 -8.43
C6 HYQ B . 0.52 0.23 -11.27
O13 HYQ B . 1.65 -0.24 -11.31
C2 HYQ B . 0.07 1.27 -12.25
C5 HYQ B . 1.02 2.50 -12.21
C12 HYQ B . 1.07 3.05 -10.77
C8 HYQ B . -0.31 3.43 -10.26
C3 HYQ B . -1.41 3.13 -11.29
C7 HYQ B . -1.02 3.97 -12.52
C11 HYQ B . 0.37 3.62 -13.02
#